data_7OQA
#
_entry.id   7OQA
#
_cell.length_a   82.746
_cell.length_b   111.499
_cell.length_c   62.376
_cell.angle_alpha   90.000
_cell.angle_beta   90.000
_cell.angle_gamma   90.000
#
_symmetry.space_group_name_H-M   'C 2 2 21'
#
loop_
_entity.id
_entity.type
_entity.pdbx_description
1 polymer '14-3-3 protein sigma'
2 polymer 'Peptidyl-prolyl cis-trans isomerase NIMA-interacting 1'
3 non-polymer ~{N}-[(5-carbamimidoyl-3-phenyl-thiophen-2-yl)methyl]-2,3-dihydro-1-benzofuran-7-carboxamide
4 non-polymer 'CHLORIDE ION'
5 water water
#
loop_
_entity_poly.entity_id
_entity_poly.type
_entity_poly.pdbx_seq_one_letter_code
_entity_poly.pdbx_strand_id
1 'polypeptide(L)'
;GAMGSMERASLIQKAKLAEQAERYEDMAAFMKGAVEKGEELS(CSO)EERNLLSVAYKNVVGGQRAAWRVLSSIEQKSNE
EGSEEKGPEVREYREKVETELQGVCDTVLGLLDSHLIKEAGDAESRVFYLKMKGDYYRYLAEVATGDDKKRIIDSARSAY
QEAMDISKKEMPPTNPIRLGLALNFSVFHYEIANSPEEAISLAKTTFDEAMADLHTLSEDSYKDSTLIMQLLRDNLTLWT
ADNAGEEGGEAPQEPQS
;
A
2 'polypeptide(L)' LVKHSQSRRPS(SEP)WRQEK P
#
# COMPACT_ATOMS: atom_id res chain seq x y z
N ALA A 2 -7.54 0.73 23.67
CA ALA A 2 -6.14 0.89 24.17
C ALA A 2 -5.72 2.37 24.17
N MET A 3 -5.95 3.00 23.03
CA MET A 3 -5.73 4.44 22.87
C MET A 3 -7.00 5.22 23.14
N GLY A 4 -8.04 4.56 23.63
CA GLY A 4 -9.33 5.21 23.79
C GLY A 4 -9.31 6.39 24.74
N SER A 5 -8.43 6.37 25.73
CA SER A 5 -8.40 7.46 26.70
C SER A 5 -7.55 8.64 26.25
N MET A 6 -6.85 8.58 25.12
CA MET A 6 -5.96 9.65 24.71
C MET A 6 -6.66 10.55 23.69
N GLU A 7 -6.45 11.86 23.83
CA GLU A 7 -7.01 12.82 22.90
C GLU A 7 -6.56 12.54 21.47
N ARG A 8 -7.45 12.78 20.50
CA ARG A 8 -7.08 12.62 19.11
C ARG A 8 -5.83 13.44 18.77
N ALA A 9 -5.79 14.72 19.17
CA ALA A 9 -4.66 15.56 18.81
C ALA A 9 -3.35 15.02 19.40
N SER A 10 -3.42 14.49 20.64
CA SER A 10 -2.24 13.91 21.27
C SER A 10 -1.75 12.66 20.54
N LEU A 11 -2.69 11.83 20.08
CA LEU A 11 -2.33 10.67 19.25
C LEU A 11 -1.61 11.09 17.98
N ILE A 12 -2.13 12.11 17.29
CA ILE A 12 -1.48 12.57 16.07
C ILE A 12 -0.08 13.11 16.40
N GLN A 13 0.00 13.92 17.45
CA GLN A 13 1.29 14.47 17.86
C GLN A 13 2.29 13.36 18.12
N LYS A 14 1.86 12.33 18.87
CA LYS A 14 2.73 11.21 19.20
C LYS A 14 3.06 10.35 17.98
N ALA A 15 2.13 10.20 17.03
CA ALA A 15 2.49 9.51 15.78
C ALA A 15 3.66 10.21 15.09
N LYS A 16 3.66 11.54 15.06
CA LYS A 16 4.74 12.28 14.41
C LYS A 16 6.06 12.12 15.17
N LEU A 17 6.00 12.12 16.49
CA LEU A 17 7.20 11.85 17.30
C LEU A 17 7.73 10.44 17.06
N ALA A 18 6.84 9.46 17.04
CA ALA A 18 7.24 8.08 16.79
C ALA A 18 7.91 7.95 15.42
N GLU A 19 7.40 8.64 14.40
CA GLU A 19 8.06 8.64 13.11
C GLU A 19 9.48 9.19 13.24
N GLN A 20 9.64 10.30 13.93
CA GLN A 20 10.98 10.88 14.08
C GLN A 20 11.91 9.93 14.81
N ALA A 21 11.39 9.15 15.74
CA ALA A 21 12.17 8.18 16.50
C ALA A 21 12.30 6.83 15.81
N GLU A 22 11.73 6.69 14.61
CA GLU A 22 11.72 5.42 13.87
C GLU A 22 11.07 4.29 14.65
N ARG A 23 10.01 4.63 15.39
CA ARG A 23 9.26 3.70 16.22
C ARG A 23 7.95 3.43 15.49
N TYR A 24 8.00 2.58 14.46
CA TYR A 24 6.85 2.52 13.56
C TYR A 24 5.71 1.70 14.14
N GLU A 25 5.98 0.71 14.99
N GLU A 25 5.99 0.70 14.98
CA GLU A 25 4.89 -0.01 15.64
CA GLU A 25 4.90 -0.02 15.65
C GLU A 25 4.09 0.92 16.55
C GLU A 25 4.09 0.94 16.52
N ASP A 26 4.79 1.79 17.27
CA ASP A 26 4.10 2.80 18.09
C ASP A 26 3.32 3.75 17.20
N MET A 27 3.96 4.20 16.12
CA MET A 27 3.31 5.10 15.18
C MET A 27 2.00 4.53 14.69
N ALA A 28 2.02 3.25 14.31
CA ALA A 28 0.81 2.60 13.81
C ALA A 28 -0.26 2.49 14.90
N ALA A 29 0.15 2.16 16.13
CA ALA A 29 -0.82 2.07 17.20
C ALA A 29 -1.46 3.43 17.48
N PHE A 30 -0.66 4.50 17.43
CA PHE A 30 -1.20 5.85 17.65
C PHE A 30 -2.19 6.21 16.53
N MET A 31 -1.84 5.89 15.28
CA MET A 31 -2.74 6.22 14.18
C MET A 31 -3.99 5.35 14.16
N LYS A 32 -3.89 4.07 14.55
CA LYS A 32 -5.08 3.26 14.73
C LYS A 32 -6.00 3.91 15.76
N GLY A 33 -5.44 4.33 16.89
CA GLY A 33 -6.23 5.04 17.88
C GLY A 33 -6.90 6.29 17.33
N ALA A 34 -6.17 7.08 16.53
CA ALA A 34 -6.75 8.28 15.92
C ALA A 34 -7.90 7.92 15.00
N VAL A 35 -7.71 6.92 14.14
CA VAL A 35 -8.79 6.50 13.24
C VAL A 35 -10.03 6.13 14.05
N GLU A 36 -9.85 5.37 15.13
CA GLU A 36 -10.96 4.85 15.92
C GLU A 36 -11.70 5.95 16.68
N LYS A 37 -11.20 7.19 16.66
CA LYS A 37 -11.97 8.30 17.19
C LYS A 37 -13.19 8.59 16.33
N GLY A 38 -13.21 8.11 15.08
CA GLY A 38 -14.36 8.20 14.23
C GLY A 38 -14.44 9.41 13.33
N GLU A 39 -13.47 10.31 13.39
CA GLU A 39 -13.46 11.47 12.51
C GLU A 39 -12.62 11.19 11.25
N GLU A 40 -12.98 11.85 10.15
CA GLU A 40 -12.20 11.67 8.94
C GLU A 40 -10.76 12.13 9.20
N LEU A 41 -9.84 11.63 8.37
CA LEU A 41 -8.43 11.96 8.45
C LEU A 41 -8.06 12.98 7.39
N SER A 42 -7.23 13.94 7.76
CA SER A 42 -6.67 14.90 6.82
C SER A 42 -5.68 14.26 5.88
N GLU A 44 -2.52 14.96 5.60
CA GLU A 44 -1.30 14.68 6.36
C GLU A 44 -1.52 13.45 7.25
N GLU A 45 -2.71 13.34 7.82
CA GLU A 45 -2.98 12.23 8.74
C GLU A 45 -3.09 10.91 7.98
N ARG A 46 -3.65 10.95 6.77
CA ARG A 46 -3.69 9.76 5.94
C ARG A 46 -2.28 9.30 5.64
N ASN A 47 -1.38 10.24 5.36
CA ASN A 47 -0.01 9.85 5.09
C ASN A 47 0.65 9.26 6.32
N LEU A 48 0.34 9.80 7.50
CA LEU A 48 0.92 9.22 8.71
C LEU A 48 0.46 7.78 8.89
N LEU A 49 -0.83 7.52 8.65
CA LEU A 49 -1.35 6.15 8.75
C LEU A 49 -0.62 5.23 7.79
N SER A 50 -0.51 5.66 6.54
CA SER A 50 0.14 4.87 5.50
C SER A 50 1.61 4.58 5.82
N VAL A 51 2.37 5.62 6.18
CA VAL A 51 3.78 5.46 6.52
C VAL A 51 3.94 4.44 7.65
N ALA A 52 3.09 4.56 8.68
CA ALA A 52 3.26 3.70 9.86
C ALA A 52 3.09 2.23 9.49
N TYR A 53 1.96 1.90 8.87
CA TYR A 53 1.70 0.49 8.58
C TYR A 53 2.56 -0.01 7.44
N LYS A 54 2.95 0.85 6.49
CA LYS A 54 3.84 0.40 5.43
C LYS A 54 5.16 -0.07 6.00
N ASN A 55 5.68 0.66 6.99
CA ASN A 55 6.93 0.30 7.60
C ASN A 55 6.79 -0.95 8.45
N VAL A 56 5.70 -1.05 9.22
CA VAL A 56 5.50 -2.26 10.02
C VAL A 56 5.42 -3.49 9.12
N VAL A 57 4.51 -3.47 8.13
CA VAL A 57 4.32 -4.64 7.31
C VAL A 57 5.55 -4.86 6.42
N GLY A 58 6.27 -3.80 6.09
CA GLY A 58 7.48 -3.96 5.29
C GLY A 58 8.52 -4.82 5.99
N GLY A 59 8.73 -4.58 7.29
CA GLY A 59 9.63 -5.43 8.02
C GLY A 59 9.17 -6.87 8.07
N GLN A 60 7.87 -7.07 8.24
CA GLN A 60 7.31 -8.42 8.29
C GLN A 60 7.47 -9.13 6.95
N ARG A 61 7.21 -8.42 5.85
CA ARG A 61 7.35 -9.04 4.53
C ARG A 61 8.80 -9.43 4.26
N ALA A 62 9.73 -8.55 4.60
CA ALA A 62 11.14 -8.84 4.41
C ALA A 62 11.55 -10.06 5.22
N ALA A 63 11.09 -10.15 6.48
CA ALA A 63 11.39 -11.32 7.30
C ALA A 63 10.76 -12.57 6.72
N TRP A 64 9.49 -12.49 6.32
CA TRP A 64 8.82 -13.66 5.74
C TRP A 64 9.57 -14.17 4.51
N ARG A 65 10.05 -13.26 3.66
CA ARG A 65 10.76 -13.70 2.47
C ARG A 65 12.06 -14.42 2.82
N VAL A 66 12.81 -13.90 3.79
CA VAL A 66 14.01 -14.58 4.26
C VAL A 66 13.67 -16.00 4.72
N LEU A 67 12.64 -16.13 5.58
CA LEU A 67 12.30 -17.43 6.14
C LEU A 67 11.74 -18.38 5.08
N SER A 68 10.90 -17.86 4.18
CA SER A 68 10.32 -18.70 3.13
C SER A 68 11.40 -19.26 2.22
N SER A 69 12.42 -18.46 1.93
CA SER A 69 13.55 -18.92 1.13
C SER A 69 14.33 -20.02 1.85
N ILE A 70 14.61 -19.83 3.14
CA ILE A 70 15.27 -20.88 3.93
C ILE A 70 14.42 -22.13 3.94
N GLU A 71 13.12 -21.97 4.11
CA GLU A 71 12.19 -23.11 4.13
C GLU A 71 12.24 -23.85 2.81
N GLN A 72 12.21 -23.11 1.70
CA GLN A 72 12.28 -23.73 0.38
C GLN A 72 13.58 -24.52 0.21
N LYS A 73 14.70 -23.92 0.62
CA LYS A 73 15.99 -24.60 0.51
C LYS A 73 15.99 -25.90 1.28
N SER A 74 15.32 -25.93 2.44
CA SER A 74 15.17 -27.17 3.19
C SER A 74 14.18 -28.12 2.53
N ASN A 75 13.51 -27.68 1.47
CA ASN A 75 12.51 -28.50 0.78
C ASN A 75 11.44 -29.00 1.75
N GLY A 83 13.67 -30.79 10.93
CA GLY A 83 12.70 -30.50 11.97
C GLY A 83 11.67 -29.46 11.55
N PRO A 84 10.68 -29.22 12.40
CA PRO A 84 9.56 -28.33 12.05
C PRO A 84 9.85 -26.85 12.31
N GLU A 85 11.03 -26.51 12.80
CA GLU A 85 11.27 -25.17 13.33
C GLU A 85 11.18 -24.09 12.25
N VAL A 86 11.75 -24.32 11.08
CA VAL A 86 11.71 -23.29 10.05
C VAL A 86 10.27 -23.00 9.66
N ARG A 87 9.50 -24.05 9.40
CA ARG A 87 8.10 -23.86 9.06
C ARG A 87 7.35 -23.18 10.20
N GLU A 88 7.61 -23.60 11.45
CA GLU A 88 6.91 -23.00 12.57
C GLU A 88 7.15 -21.51 12.64
N TYR A 89 8.41 -21.12 12.48
CA TYR A 89 8.75 -19.72 12.66
C TYR A 89 8.26 -18.88 11.48
N ARG A 90 8.37 -19.41 10.25
CA ARG A 90 7.75 -18.75 9.11
C ARG A 90 6.25 -18.56 9.33
N GLU A 91 5.57 -19.59 9.84
CA GLU A 91 4.15 -19.47 10.18
C GLU A 91 3.90 -18.39 11.23
N LYS A 92 4.78 -18.29 12.21
CA LYS A 92 4.61 -17.26 13.24
C LYS A 92 4.66 -15.87 12.63
N VAL A 93 5.69 -15.62 11.83
CA VAL A 93 5.83 -14.33 11.17
C VAL A 93 4.64 -14.10 10.22
N GLU A 94 4.23 -15.14 9.51
CA GLU A 94 3.13 -15.00 8.55
C GLU A 94 1.84 -14.61 9.27
N THR A 95 1.55 -15.27 10.39
CA THR A 95 0.34 -14.98 11.14
C THR A 95 0.37 -13.55 11.67
N GLU A 96 1.52 -13.07 12.12
N GLU A 96 1.52 -13.09 12.13
CA GLU A 96 1.59 -11.69 12.59
CA GLU A 96 1.63 -11.70 12.59
C GLU A 96 1.38 -10.72 11.43
C GLU A 96 1.39 -10.74 11.44
N LEU A 97 1.96 -11.04 10.27
CA LEU A 97 1.75 -10.19 9.09
C LEU A 97 0.29 -10.14 8.70
N GLN A 98 -0.36 -11.30 8.67
CA GLN A 98 -1.78 -11.34 8.34
C GLN A 98 -2.59 -10.55 9.35
N GLY A 99 -2.20 -10.60 10.62
CA GLY A 99 -2.92 -9.82 11.63
C GLY A 99 -2.82 -8.32 11.39
N VAL A 100 -1.65 -7.84 11.02
CA VAL A 100 -1.48 -6.43 10.69
C VAL A 100 -2.33 -6.07 9.48
N CYS A 101 -2.26 -6.89 8.41
CA CYS A 101 -3.08 -6.60 7.24
C CYS A 101 -4.56 -6.56 7.59
N ASP A 102 -5.03 -7.56 8.38
CA ASP A 102 -6.42 -7.57 8.80
C ASP A 102 -6.78 -6.32 9.60
N THR A 103 -5.87 -5.82 10.43
CA THR A 103 -6.18 -4.63 11.21
C THR A 103 -6.36 -3.42 10.31
N VAL A 104 -5.48 -3.27 9.33
CA VAL A 104 -5.58 -2.14 8.41
C VAL A 104 -6.86 -2.23 7.59
N LEU A 105 -7.15 -3.42 7.05
CA LEU A 105 -8.37 -3.59 6.27
C LEU A 105 -9.60 -3.33 7.12
N GLY A 106 -9.54 -3.69 8.39
CA GLY A 106 -10.64 -3.41 9.28
C GLY A 106 -10.86 -1.93 9.51
N LEU A 107 -9.77 -1.16 9.57
CA LEU A 107 -9.92 0.28 9.72
C LEU A 107 -10.54 0.89 8.47
N LEU A 108 -10.10 0.44 7.29
CA LEU A 108 -10.64 0.94 6.04
C LEU A 108 -12.12 0.62 5.93
N ASP A 109 -12.51 -0.57 6.36
CA ASP A 109 -13.90 -1.00 6.26
C ASP A 109 -14.77 -0.45 7.41
N SER A 110 -14.15 0.01 8.51
CA SER A 110 -14.87 0.50 9.69
C SER A 110 -14.19 1.76 10.26
N HIS A 111 -14.37 2.93 9.63
CA HIS A 111 -15.30 3.18 8.54
C HIS A 111 -14.70 4.20 7.57
N LEU A 112 -13.39 4.10 7.34
CA LEU A 112 -12.70 5.14 6.58
C LEU A 112 -13.26 5.27 5.17
N ILE A 113 -13.46 4.14 4.49
CA ILE A 113 -13.84 4.22 3.08
C ILE A 113 -15.24 4.78 2.94
N LYS A 114 -16.18 4.29 3.76
CA LYS A 114 -17.55 4.76 3.57
C LYS A 114 -17.69 6.25 3.87
N GLU A 115 -16.85 6.78 4.76
CA GLU A 115 -16.96 8.20 5.08
C GLU A 115 -16.11 9.09 4.17
N ALA A 116 -15.40 8.51 3.19
CA ALA A 116 -14.52 9.25 2.29
C ALA A 116 -15.30 9.66 1.03
N GLY A 117 -15.70 10.91 0.97
CA GLY A 117 -16.45 11.40 -0.18
C GLY A 117 -15.57 11.96 -1.27
N ASP A 118 -14.52 12.67 -0.87
CA ASP A 118 -13.62 13.27 -1.83
C ASP A 118 -12.85 12.21 -2.59
N ALA A 119 -12.56 12.52 -3.85
CA ALA A 119 -11.73 11.63 -4.66
C ALA A 119 -10.35 11.43 -4.03
N GLU A 120 -9.72 12.50 -3.51
CA GLU A 120 -8.40 12.36 -2.92
C GLU A 120 -8.41 11.33 -1.78
N SER A 121 -9.39 11.44 -0.87
CA SER A 121 -9.43 10.52 0.26
C SER A 121 -9.90 9.13 -0.17
N ARG A 122 -10.93 9.05 -1.02
CA ARG A 122 -11.44 7.72 -1.40
C ARG A 122 -10.43 6.93 -2.20
N VAL A 123 -9.73 7.56 -3.15
CA VAL A 123 -8.67 6.87 -3.90
C VAL A 123 -7.55 6.42 -2.97
N PHE A 124 -7.14 7.29 -2.04
CA PHE A 124 -6.08 6.93 -1.10
C PHE A 124 -6.43 5.65 -0.35
N TYR A 125 -7.66 5.57 0.18
CA TYR A 125 -8.03 4.44 1.00
C TYR A 125 -8.22 3.18 0.16
N LEU A 126 -8.75 3.34 -1.07
CA LEU A 126 -8.95 2.17 -1.92
C LEU A 126 -7.62 1.62 -2.41
N LYS A 127 -6.64 2.49 -2.66
CA LYS A 127 -5.27 2.05 -2.92
C LYS A 127 -4.72 1.26 -1.74
N MET A 128 -4.90 1.79 -0.53
CA MET A 128 -4.46 1.05 0.65
C MET A 128 -5.13 -0.33 0.73
N LYS A 129 -6.45 -0.39 0.49
CA LYS A 129 -7.13 -1.68 0.51
C LYS A 129 -6.50 -2.65 -0.48
N GLY A 130 -6.21 -2.17 -1.70
CA GLY A 130 -5.53 -3.02 -2.67
C GLY A 130 -4.17 -3.48 -2.18
N ASP A 131 -3.40 -2.55 -1.64
CA ASP A 131 -2.07 -2.88 -1.14
C ASP A 131 -2.12 -3.97 -0.06
N TYR A 132 -3.02 -3.85 0.91
CA TYR A 132 -2.99 -4.81 2.03
C TYR A 132 -3.61 -6.16 1.65
N TYR A 133 -4.57 -6.20 0.71
CA TYR A 133 -4.93 -7.50 0.14
C TYR A 133 -3.78 -8.09 -0.69
N ARG A 134 -3.04 -7.25 -1.41
CA ARG A 134 -1.85 -7.72 -2.11
C ARG A 134 -0.85 -8.38 -1.14
N TYR A 135 -0.61 -7.75 0.01
CA TYR A 135 0.32 -8.36 0.97
C TYR A 135 -0.25 -9.69 1.50
N LEU A 136 -1.56 -9.76 1.73
CA LEU A 136 -2.15 -11.05 2.06
C LEU A 136 -1.94 -12.05 0.93
N ALA A 137 -2.05 -11.59 -0.32
CA ALA A 137 -1.91 -12.52 -1.44
C ALA A 137 -0.48 -13.07 -1.55
N GLU A 138 0.52 -12.28 -1.17
CA GLU A 138 1.91 -12.72 -1.26
C GLU A 138 2.16 -13.98 -0.46
N VAL A 139 1.43 -14.17 0.64
CA VAL A 139 1.63 -15.33 1.52
C VAL A 139 0.49 -16.33 1.45
N ALA A 140 -0.48 -16.12 0.56
CA ALA A 140 -1.68 -16.95 0.55
C ALA A 140 -1.45 -18.21 -0.27
N THR A 141 -2.12 -19.29 0.17
CA THR A 141 -2.02 -20.59 -0.50
C THR A 141 -3.30 -21.42 -0.40
N GLY A 142 -4.19 -21.07 0.54
CA GLY A 142 -5.35 -21.87 0.84
C GLY A 142 -6.49 -21.70 -0.15
N ASP A 143 -7.69 -22.08 0.31
CA ASP A 143 -8.89 -21.99 -0.52
C ASP A 143 -9.26 -20.55 -0.86
N ASP A 144 -8.51 -19.58 -0.32
CA ASP A 144 -8.86 -18.18 -0.44
C ASP A 144 -7.86 -17.33 -1.21
N LYS A 145 -6.78 -17.92 -1.74
CA LYS A 145 -5.85 -17.10 -2.51
C LYS A 145 -6.57 -16.40 -3.67
N LYS A 146 -7.42 -17.12 -4.39
CA LYS A 146 -8.05 -16.50 -5.56
C LYS A 146 -8.99 -15.39 -5.14
N ARG A 147 -9.72 -15.59 -4.03
CA ARG A 147 -10.63 -14.56 -3.55
C ARG A 147 -9.85 -13.37 -3.01
N ILE A 148 -8.71 -13.63 -2.36
CA ILE A 148 -7.86 -12.54 -1.88
C ILE A 148 -7.35 -11.71 -3.07
N ILE A 149 -6.87 -12.40 -4.10
CA ILE A 149 -6.38 -11.72 -5.30
C ILE A 149 -7.49 -10.87 -5.91
N ASP A 150 -8.69 -11.40 -6.00
CA ASP A 150 -9.75 -10.65 -6.64
C ASP A 150 -10.17 -9.46 -5.78
N SER A 151 -10.04 -9.59 -4.46
CA SER A 151 -10.32 -8.45 -3.59
C SER A 151 -9.31 -7.33 -3.83
N ALA A 152 -8.03 -7.67 -3.96
CA ALA A 152 -7.04 -6.65 -4.30
C ALA A 152 -7.37 -6.00 -5.65
N ARG A 153 -7.60 -6.82 -6.68
N ARG A 153 -7.62 -6.81 -6.67
CA ARG A 153 -7.92 -6.31 -8.00
CA ARG A 153 -7.91 -6.28 -8.00
C ARG A 153 -9.09 -5.34 -7.94
C ARG A 153 -9.10 -5.32 -7.96
N SER A 154 -10.18 -5.74 -7.29
CA SER A 154 -11.38 -4.92 -7.22
C SER A 154 -11.11 -3.56 -6.59
N ALA A 155 -10.36 -3.53 -5.50
CA ALA A 155 -10.09 -2.27 -4.82
C ALA A 155 -9.23 -1.36 -5.68
N TYR A 156 -8.15 -1.90 -6.23
CA TYR A 156 -7.30 -1.15 -7.14
C TYR A 156 -8.11 -0.61 -8.32
N GLN A 157 -8.96 -1.45 -8.90
CA GLN A 157 -9.71 -1.07 -10.07
C GLN A 157 -10.65 0.09 -9.78
N GLU A 158 -11.36 0.05 -8.65
CA GLU A 158 -12.25 1.15 -8.30
C GLU A 158 -11.45 2.42 -8.08
N ALA A 159 -10.29 2.31 -7.45
CA ALA A 159 -9.44 3.48 -7.25
C ALA A 159 -8.98 4.05 -8.58
N MET A 160 -8.58 3.17 -9.51
CA MET A 160 -8.15 3.63 -10.82
C MET A 160 -9.28 4.38 -11.53
N ASP A 161 -10.49 3.82 -11.50
CA ASP A 161 -11.62 4.44 -12.19
C ASP A 161 -11.86 5.86 -11.68
N ILE A 162 -11.88 6.04 -10.35
CA ILE A 162 -12.09 7.36 -9.75
C ILE A 162 -10.93 8.29 -10.09
N SER A 163 -9.70 7.79 -9.96
CA SER A 163 -8.53 8.64 -10.17
C SER A 163 -8.46 9.13 -11.61
N LYS A 164 -8.80 8.27 -12.56
CA LYS A 164 -8.80 8.69 -13.96
C LYS A 164 -9.86 9.75 -14.22
N LYS A 165 -11.02 9.66 -13.56
CA LYS A 165 -12.08 10.63 -13.75
C LYS A 165 -11.82 11.94 -13.00
N GLU A 166 -11.20 11.89 -11.82
CA GLU A 166 -11.21 13.02 -10.90
C GLU A 166 -9.85 13.66 -10.66
N MET A 167 -8.77 13.07 -11.14
CA MET A 167 -7.44 13.58 -10.81
C MET A 167 -6.63 13.76 -12.08
N PRO A 168 -5.71 14.72 -12.11
CA PRO A 168 -4.81 14.86 -13.26
C PRO A 168 -3.81 13.71 -13.33
N PRO A 169 -3.24 13.45 -14.50
CA PRO A 169 -2.36 12.29 -14.65
C PRO A 169 -1.07 12.38 -13.85
N THR A 170 -0.70 13.57 -13.37
CA THR A 170 0.50 13.72 -12.57
C THR A 170 0.25 13.69 -11.07
N ASN A 171 -0.99 13.52 -10.64
CA ASN A 171 -1.27 13.53 -9.21
C ASN A 171 -0.50 12.40 -8.52
N PRO A 172 0.26 12.69 -7.46
CA PRO A 172 1.11 11.65 -6.85
C PRO A 172 0.36 10.43 -6.33
N ILE A 173 -0.86 10.61 -5.80
CA ILE A 173 -1.65 9.46 -5.37
C ILE A 173 -2.04 8.62 -6.57
N ARG A 174 -2.48 9.27 -7.67
CA ARG A 174 -2.81 8.53 -8.88
C ARG A 174 -1.59 7.77 -9.41
N LEU A 175 -0.44 8.41 -9.41
CA LEU A 175 0.78 7.76 -9.89
C LEU A 175 1.17 6.59 -9.01
N GLY A 176 1.16 6.78 -7.69
CA GLY A 176 1.51 5.70 -6.78
C GLY A 176 0.54 4.54 -6.84
N LEU A 177 -0.74 4.85 -7.01
CA LEU A 177 -1.75 3.81 -7.25
C LEU A 177 -1.43 3.01 -8.50
N ALA A 178 -1.14 3.69 -9.61
CA ALA A 178 -0.87 2.97 -10.87
C ALA A 178 0.39 2.13 -10.75
N LEU A 179 1.43 2.69 -10.15
CA LEU A 179 2.64 1.93 -9.86
C LEU A 179 2.33 0.63 -9.12
N ASN A 180 1.55 0.71 -8.04
CA ASN A 180 1.30 -0.47 -7.22
C ASN A 180 0.35 -1.47 -7.91
N PHE A 181 -0.65 -0.96 -8.65
CA PHE A 181 -1.51 -1.86 -9.42
C PHE A 181 -0.69 -2.57 -10.48
N SER A 182 0.29 -1.88 -11.06
N SER A 182 0.29 -1.88 -11.07
CA SER A 182 1.16 -2.54 -12.04
CA SER A 182 1.16 -2.52 -12.04
C SER A 182 2.01 -3.62 -11.39
C SER A 182 1.99 -3.62 -11.39
N VAL A 183 2.51 -3.36 -10.18
CA VAL A 183 3.22 -4.40 -9.43
C VAL A 183 2.29 -5.56 -9.10
N PHE A 184 1.04 -5.27 -8.73
CA PHE A 184 0.07 -6.34 -8.53
C PHE A 184 -0.03 -7.21 -9.77
N HIS A 185 -0.22 -6.59 -10.94
CA HIS A 185 -0.36 -7.37 -12.16
C HIS A 185 0.86 -8.25 -12.40
N TYR A 186 2.06 -7.70 -12.18
CA TYR A 186 3.28 -8.43 -12.52
C TYR A 186 3.53 -9.55 -11.53
N GLU A 187 3.47 -9.24 -10.23
CA GLU A 187 3.91 -10.15 -9.18
C GLU A 187 2.83 -11.10 -8.69
N ILE A 188 1.58 -10.67 -8.68
CA ILE A 188 0.50 -11.41 -8.04
C ILE A 188 -0.38 -12.11 -9.06
N ALA A 189 -0.80 -11.38 -10.10
CA ALA A 189 -1.80 -11.86 -11.02
C ALA A 189 -1.22 -12.57 -12.23
N ASN A 190 0.10 -12.68 -12.30
CA ASN A 190 0.76 -13.34 -13.42
C ASN A 190 0.35 -12.70 -14.75
N SER A 191 0.29 -11.36 -14.75
CA SER A 191 -0.09 -10.59 -15.93
C SER A 191 0.98 -9.55 -16.27
N PRO A 192 2.18 -10.00 -16.62
CA PRO A 192 3.28 -9.04 -16.88
C PRO A 192 3.00 -8.08 -18.02
N GLU A 193 2.25 -8.49 -19.05
CA GLU A 193 1.98 -7.52 -20.11
C GLU A 193 1.03 -6.43 -19.63
N GLU A 194 0.01 -6.80 -18.85
CA GLU A 194 -0.83 -5.78 -18.25
C GLU A 194 -0.01 -4.85 -17.39
N ALA A 195 0.92 -5.41 -16.61
CA ALA A 195 1.78 -4.59 -15.75
C ALA A 195 2.59 -3.59 -16.56
N ILE A 196 3.22 -4.07 -17.63
CA ILE A 196 4.04 -3.22 -18.48
C ILE A 196 3.20 -2.16 -19.17
N SER A 197 2.03 -2.54 -19.68
N SER A 197 2.04 -2.56 -19.69
CA SER A 197 1.18 -1.58 -20.36
CA SER A 197 1.15 -1.62 -20.35
C SER A 197 0.68 -0.49 -19.41
C SER A 197 0.72 -0.51 -19.40
N LEU A 198 0.32 -0.86 -18.19
CA LEU A 198 -0.12 0.15 -17.24
C LEU A 198 1.02 1.09 -16.87
N ALA A 199 2.21 0.55 -16.61
CA ALA A 199 3.33 1.41 -16.22
C ALA A 199 3.68 2.40 -17.33
N LYS A 200 3.64 1.93 -18.58
CA LYS A 200 4.05 2.74 -19.71
C LYS A 200 3.05 3.85 -19.99
N THR A 201 1.75 3.50 -20.05
N THR A 201 1.74 3.51 -20.02
CA THR A 201 0.72 4.49 -20.28
CA THR A 201 0.73 4.54 -20.29
C THR A 201 0.71 5.54 -19.16
C THR A 201 0.67 5.55 -19.15
N THR A 202 0.84 5.09 -17.91
CA THR A 202 0.91 6.02 -16.80
C THR A 202 2.10 6.96 -16.92
N PHE A 203 3.26 6.40 -17.26
CA PHE A 203 4.45 7.21 -17.41
C PHE A 203 4.28 8.26 -18.50
N ASP A 204 3.80 7.83 -19.68
CA ASP A 204 3.67 8.73 -20.81
C ASP A 204 2.64 9.82 -20.53
N GLU A 205 1.51 9.47 -19.92
CA GLU A 205 0.50 10.50 -19.67
C GLU A 205 0.94 11.47 -18.58
N ALA A 206 1.74 11.01 -17.61
CA ALA A 206 2.32 11.95 -16.67
C ALA A 206 3.30 12.91 -17.37
N MET A 207 4.23 12.36 -18.16
CA MET A 207 5.16 13.20 -18.92
C MET A 207 4.44 14.33 -19.65
N ALA A 208 3.34 14.01 -20.33
CA ALA A 208 2.64 15.00 -21.15
C ALA A 208 1.93 16.06 -20.31
N ASP A 209 1.76 15.83 -18.99
CA ASP A 209 1.10 16.77 -18.09
C ASP A 209 2.09 17.57 -17.24
N LEU A 210 3.39 17.28 -17.31
CA LEU A 210 4.33 17.96 -16.43
C LEU A 210 4.35 19.46 -16.70
N HIS A 211 4.04 19.88 -17.93
CA HIS A 211 4.15 21.29 -18.27
C HIS A 211 3.18 22.15 -17.46
N THR A 212 2.14 21.55 -16.86
CA THR A 212 1.16 22.29 -16.09
C THR A 212 1.58 22.56 -14.65
N LEU A 213 2.70 22.02 -14.19
CA LEU A 213 3.04 21.96 -12.77
C LEU A 213 4.03 23.05 -12.35
N SER A 214 3.94 23.43 -11.08
CA SER A 214 4.98 24.21 -10.42
C SER A 214 6.25 23.38 -10.27
N GLU A 215 7.36 24.07 -9.96
CA GLU A 215 8.62 23.37 -9.70
C GLU A 215 8.45 22.32 -8.60
N ASP A 216 7.66 22.64 -7.56
CA ASP A 216 7.49 21.71 -6.44
C ASP A 216 6.68 20.47 -6.86
N SER A 217 5.53 20.68 -7.47
CA SER A 217 4.74 19.55 -7.94
C SER A 217 5.50 18.74 -8.99
N TYR A 218 6.25 19.43 -9.85
CA TYR A 218 7.10 18.74 -10.83
C TYR A 218 8.03 17.76 -10.15
N LYS A 219 8.71 18.19 -9.07
CA LYS A 219 9.57 17.27 -8.34
C LYS A 219 8.78 16.11 -7.74
N ASP A 220 7.62 16.42 -7.14
CA ASP A 220 6.78 15.36 -6.57
C ASP A 220 6.41 14.32 -7.61
N SER A 221 5.97 14.77 -8.79
CA SER A 221 5.50 13.83 -9.81
C SER A 221 6.66 13.05 -10.43
N THR A 222 7.76 13.73 -10.75
CA THR A 222 8.86 13.04 -11.41
C THR A 222 9.48 11.99 -10.51
N LEU A 223 9.40 12.18 -9.19
CA LEU A 223 9.95 11.18 -8.27
C LEU A 223 9.27 9.84 -8.45
N ILE A 224 7.94 9.84 -8.55
CA ILE A 224 7.20 8.59 -8.73
C ILE A 224 7.33 8.08 -10.15
N MET A 225 7.45 8.98 -11.13
CA MET A 225 7.69 8.55 -12.50
C MET A 225 8.99 7.77 -12.60
N GLN A 226 9.99 8.15 -11.81
CA GLN A 226 11.25 7.42 -11.81
C GLN A 226 11.05 5.98 -11.38
N LEU A 227 10.14 5.72 -10.43
CA LEU A 227 9.87 4.35 -10.02
C LEU A 227 9.15 3.57 -11.12
N LEU A 228 8.20 4.21 -11.84
CA LEU A 228 7.63 3.57 -13.02
C LEU A 228 8.71 3.23 -14.05
N ARG A 229 9.65 4.16 -14.29
CA ARG A 229 10.74 3.89 -15.22
C ARG A 229 11.59 2.71 -14.76
N ASP A 230 11.90 2.65 -13.46
CA ASP A 230 12.73 1.57 -12.95
C ASP A 230 12.09 0.20 -13.19
N ASN A 231 10.78 0.10 -12.99
CA ASN A 231 10.12 -1.17 -13.22
C ASN A 231 10.10 -1.52 -14.71
N LEU A 232 9.83 -0.53 -15.59
CA LEU A 232 9.86 -0.84 -17.01
C LEU A 232 11.24 -1.30 -17.44
N THR A 233 12.28 -0.75 -16.81
CA THR A 233 13.64 -1.16 -17.14
C THR A 233 13.90 -2.59 -16.66
N LEU A 234 13.27 -2.98 -15.55
CA LEU A 234 13.37 -4.35 -15.07
C LEU A 234 12.60 -5.32 -15.96
N TRP A 235 11.48 -4.87 -16.54
CA TRP A 235 10.52 -5.76 -17.15
C TRP A 235 10.61 -5.86 -18.66
N THR A 236 11.26 -4.92 -19.35
CA THR A 236 11.27 -4.93 -20.81
C THR A 236 12.66 -5.10 -21.41
N ARG B 9 13.18 -7.68 -7.30
CA ARG B 9 11.82 -7.27 -6.92
C ARG B 9 11.54 -5.85 -7.44
N PRO B 10 10.32 -5.63 -7.92
CA PRO B 10 9.97 -4.30 -8.46
C PRO B 10 9.68 -3.31 -7.35
N SER B 11 9.67 -2.04 -7.72
CA SER B 11 9.45 -0.97 -6.77
C SER B 11 7.97 -0.67 -6.63
N TRP B 13 5.21 1.97 -4.24
CA TRP B 13 5.38 3.34 -3.79
C TRP B 13 5.94 3.33 -2.37
N ARG B 14 7.27 3.23 -2.32
CA ARG B 14 8.07 3.19 -1.10
C ARG B 14 7.37 3.68 0.16
#